data_4H7L
#
_entry.id   4H7L
#
_cell.length_a   67.091
_cell.length_b   67.091
_cell.length_c   109.874
_cell.angle_alpha   90.00
_cell.angle_beta   90.00
_cell.angle_gamma   120.00
#
_symmetry.space_group_name_H-M   'P 31 2 1'
#
loop_
_entity.id
_entity.type
_entity.pdbx_description
1 polymer 'uncharacterized protein'
2 non-polymer 'COPPER (II) ION'
3 water water
#
_entity_poly.entity_id   1
_entity_poly.type   'polypeptide(L)'
_entity_poly.pdbx_seq_one_letter_code
;SNA(MSE)TESTKDSPSAA(MSE)PQ(MSE)ISLSEIEAVACPCGWAQRAFGHDAGTSVSVHYTQITKAARTHYHREHQE
IYVVLDHAAHATIELNGQSYPLTKLLAISIPPLVRHRIVGEATIINIVSPPFDPADEWFDSSD(MSE)NCDE(MSE)NAD
(MSE)NTADTSSALP(MSE)EIHHV
;
_entity_poly.pdbx_strand_id   A,B
#
loop_
_chem_comp.id
_chem_comp.type
_chem_comp.name
_chem_comp.formula
CU non-polymer 'COPPER (II) ION' 'Cu 2'
#
# COMPACT_ATOMS: atom_id res chain seq x y z
N SER A 13 -3.15 -21.71 5.25
CA SER A 13 -4.43 -21.06 5.02
C SER A 13 -4.26 -19.55 5.11
N ALA A 14 -4.95 -18.84 4.21
CA ALA A 14 -4.87 -17.38 4.16
C ALA A 14 -5.89 -16.73 5.09
N ALA A 15 -6.32 -17.47 6.11
CA ALA A 15 -7.29 -16.97 7.08
C ALA A 15 -6.55 -16.26 8.21
N MSE A 16 -5.26 -16.50 8.30
CA MSE A 16 -4.46 -15.99 9.41
C MSE A 16 -3.75 -14.71 9.02
O MSE A 16 -3.22 -14.60 7.91
CB MSE A 16 -3.41 -17.04 9.80
CG MSE A 16 -2.60 -16.66 11.02
SE MSE A 16 -1.33 -18.07 11.48
CE MSE A 16 -2.62 -19.48 11.86
N PRO A 17 -3.74 -13.72 9.93
CA PRO A 17 -3.02 -12.47 9.66
C PRO A 17 -1.53 -12.74 9.47
N GLN A 18 -0.83 -11.81 8.83
CA GLN A 18 0.61 -11.91 8.64
C GLN A 18 1.27 -10.59 8.98
N MSE A 19 2.56 -10.66 9.30
CA MSE A 19 3.28 -9.50 9.79
C MSE A 19 4.73 -9.58 9.33
O MSE A 19 5.39 -10.60 9.53
CB MSE A 19 3.20 -9.48 11.31
CG MSE A 19 3.74 -8.24 11.97
SE MSE A 19 3.05 -8.11 13.78
CE MSE A 19 1.28 -7.39 13.37
N ILE A 20 5.21 -8.52 8.71
CA ILE A 20 6.57 -8.51 8.19
C ILE A 20 7.13 -7.09 8.15
N SER A 21 8.34 -6.91 8.67
CA SER A 21 9.01 -5.62 8.62
C SER A 21 9.69 -5.44 7.28
N LEU A 22 9.13 -4.56 6.46
CA LEU A 22 9.65 -4.34 5.11
C LEU A 22 11.11 -3.93 5.10
N SER A 23 11.52 -3.17 6.12
CA SER A 23 12.89 -2.64 6.16
C SER A 23 13.91 -3.71 6.52
N GLU A 24 13.45 -4.87 6.98
CA GLU A 24 14.36 -5.93 7.41
C GLU A 24 14.44 -7.07 6.39
N ILE A 25 13.49 -7.09 5.45
CA ILE A 25 13.50 -8.10 4.40
C ILE A 25 14.79 -8.00 3.61
N GLU A 26 15.33 -9.14 3.18
CA GLU A 26 16.53 -9.14 2.36
C GLU A 26 16.28 -8.37 1.08
N ALA A 27 17.09 -7.34 0.84
CA ALA A 27 16.92 -6.51 -0.34
C ALA A 27 17.41 -7.24 -1.59
N VAL A 28 16.57 -7.25 -2.62
CA VAL A 28 16.91 -7.90 -3.87
C VAL A 28 17.18 -6.86 -4.94
N ALA A 29 18.28 -7.04 -5.68
CA ALA A 29 18.62 -6.17 -6.78
C ALA A 29 17.59 -6.28 -7.89
N CYS A 30 17.05 -5.15 -8.30
CA CYS A 30 16.19 -5.09 -9.48
C CYS A 30 16.73 -3.99 -10.38
N PRO A 31 16.20 -3.87 -11.60
CA PRO A 31 16.81 -2.96 -12.57
C PRO A 31 16.88 -1.51 -12.08
N CYS A 32 15.82 -1.06 -11.41
CA CYS A 32 15.74 0.32 -10.96
C CYS A 32 16.46 0.57 -9.64
N GLY A 33 16.74 -0.51 -8.90
CA GLY A 33 17.45 -0.39 -7.64
C GLY A 33 17.38 -1.64 -6.77
N TRP A 34 16.80 -1.48 -5.59
CA TRP A 34 16.69 -2.58 -4.63
C TRP A 34 15.26 -2.71 -4.13
N ALA A 35 14.75 -3.94 -4.10
CA ALA A 35 13.39 -4.19 -3.69
C ALA A 35 13.34 -5.05 -2.43
N GLN A 36 12.41 -4.75 -1.55
CA GLN A 36 12.14 -5.57 -0.38
C GLN A 36 10.68 -5.99 -0.44
N ARG A 37 10.46 -7.19 -0.96
CA ARG A 37 9.15 -7.65 -1.38
C ARG A 37 8.47 -8.51 -0.32
N ALA A 38 7.23 -8.15 0.02
CA ALA A 38 6.45 -8.89 1.00
C ALA A 38 5.18 -9.45 0.39
N PHE A 39 4.62 -10.46 1.02
CA PHE A 39 3.33 -11.02 0.61
C PHE A 39 3.31 -11.43 -0.85
N GLY A 40 4.34 -12.16 -1.27
CA GLY A 40 4.43 -12.64 -2.63
C GLY A 40 3.28 -13.58 -3.01
N HIS A 41 3.49 -14.33 -4.08
CA HIS A 41 2.48 -15.25 -4.60
C HIS A 41 1.97 -16.21 -3.51
N ASP A 42 2.89 -16.73 -2.71
CA ASP A 42 2.56 -17.80 -1.75
C ASP A 42 1.80 -17.33 -0.50
N ALA A 43 1.85 -16.03 -0.20
CA ALA A 43 1.33 -15.54 1.09
C ALA A 43 -0.19 -15.62 1.21
N GLY A 44 -0.88 -15.85 0.10
CA GLY A 44 -2.33 -15.98 0.14
C GLY A 44 -3.07 -14.65 0.28
N THR A 45 -2.41 -13.57 -0.12
CA THR A 45 -3.07 -12.27 -0.19
C THR A 45 -3.41 -11.98 -1.66
N SER A 46 -4.08 -10.86 -1.90
CA SER A 46 -4.49 -10.51 -3.26
C SER A 46 -3.50 -9.56 -3.89
N VAL A 47 -2.59 -9.02 -3.08
CA VAL A 47 -1.62 -8.06 -3.56
C VAL A 47 -0.27 -8.29 -2.92
N SER A 48 0.78 -7.79 -3.57
CA SER A 48 2.10 -7.79 -3.00
C SER A 48 2.47 -6.35 -2.66
N VAL A 49 3.25 -6.18 -1.61
CA VAL A 49 3.70 -4.86 -1.20
C VAL A 49 5.22 -4.82 -1.20
N HIS A 50 5.80 -4.01 -2.08
CA HIS A 50 7.24 -3.88 -2.17
C HIS A 50 7.67 -2.54 -1.59
N TYR A 51 8.72 -2.56 -0.79
CA TYR A 51 9.36 -1.33 -0.35
C TYR A 51 10.64 -1.20 -1.16
N THR A 52 10.59 -0.34 -2.17
CA THR A 52 11.62 -0.30 -3.18
C THR A 52 12.39 1.01 -3.20
N GLN A 53 13.71 0.91 -3.22
CA GLN A 53 14.58 2.07 -3.31
C GLN A 53 15.10 2.23 -4.73
N ILE A 54 14.65 3.27 -5.41
CA ILE A 54 15.10 3.55 -6.77
C ILE A 54 16.39 4.35 -6.71
N THR A 55 17.50 3.70 -7.06
CA THR A 55 18.82 4.29 -6.90
C THR A 55 19.55 4.45 -8.23
N LYS A 56 19.02 3.84 -9.29
CA LYS A 56 19.70 3.89 -10.58
C LYS A 56 18.74 3.97 -11.77
N ALA A 57 19.28 4.39 -12.91
CA ALA A 57 18.51 4.54 -14.15
C ALA A 57 18.05 3.19 -14.67
N ALA A 58 16.77 3.10 -15.02
CA ALA A 58 16.20 1.85 -15.51
C ALA A 58 15.52 2.04 -16.86
N ARG A 59 15.59 1.03 -17.71
CA ARG A 59 14.89 1.06 -19.00
C ARG A 59 13.39 1.15 -18.74
N THR A 60 12.68 1.81 -19.63
CA THR A 60 11.23 1.91 -19.53
C THR A 60 10.62 0.52 -19.66
N HIS A 61 9.82 0.12 -18.67
CA HIS A 61 9.27 -1.23 -18.65
C HIS A 61 7.75 -1.21 -18.55
N TYR A 62 7.12 -2.36 -18.79
CA TYR A 62 5.69 -2.50 -18.60
C TYR A 62 5.29 -3.94 -18.23
N HIS A 63 4.10 -4.09 -17.67
CA HIS A 63 3.61 -5.39 -17.21
C HIS A 63 2.36 -5.76 -18.01
N ARG A 64 2.24 -7.03 -18.39
CA ARG A 64 1.14 -7.47 -19.24
C ARG A 64 -0.06 -8.01 -18.46
N GLU A 65 0.12 -8.30 -17.18
CA GLU A 65 -0.94 -8.95 -16.40
C GLU A 65 -1.03 -8.42 -14.97
N HIS A 66 -0.43 -7.27 -14.71
CA HIS A 66 -0.36 -6.76 -13.35
C HIS A 66 -0.65 -5.27 -13.25
N GLN A 67 -1.55 -4.91 -12.35
CA GLN A 67 -1.76 -3.52 -11.98
C GLN A 67 -0.72 -3.16 -10.94
N GLU A 68 -0.20 -1.94 -11.03
CA GLU A 68 0.72 -1.44 -10.01
C GLU A 68 0.22 -0.11 -9.48
N ILE A 69 0.39 0.11 -8.18
CA ILE A 69 0.18 1.41 -7.58
C ILE A 69 1.44 1.82 -6.84
N TYR A 70 2.06 2.91 -7.27
CA TYR A 70 3.20 3.46 -6.55
C TYR A 70 2.71 4.47 -5.52
N VAL A 71 3.30 4.43 -4.33
CA VAL A 71 3.11 5.49 -3.35
C VAL A 71 4.48 6.03 -2.98
N VAL A 72 4.76 7.26 -3.36
CA VAL A 72 6.07 7.85 -3.15
C VAL A 72 6.22 8.26 -1.69
N LEU A 73 7.21 7.68 -1.01
CA LEU A 73 7.51 8.06 0.36
C LEU A 73 8.54 9.17 0.41
N ASP A 74 9.39 9.23 -0.61
CA ASP A 74 10.45 10.22 -0.64
C ASP A 74 11.13 10.22 -2.00
N HIS A 75 11.79 11.33 -2.33
CA HIS A 75 12.39 11.49 -3.64
C HIS A 75 13.42 12.60 -3.65
N ALA A 76 14.41 12.48 -4.52
CA ALA A 76 15.39 13.54 -4.71
C ALA A 76 14.74 14.68 -5.48
N ALA A 77 15.32 15.87 -5.38
CA ALA A 77 14.77 17.02 -6.08
C ALA A 77 14.69 16.73 -7.57
N HIS A 78 13.61 17.18 -8.20
CA HIS A 78 13.44 17.10 -9.64
C HIS A 78 13.24 15.68 -10.15
N ALA A 79 13.04 14.72 -9.25
CA ALA A 79 12.77 13.35 -9.68
C ALA A 79 11.40 13.30 -10.36
N THR A 80 11.29 12.42 -11.37
CA THR A 80 10.06 12.31 -12.14
C THR A 80 9.59 10.87 -12.29
N ILE A 81 8.33 10.71 -12.67
CA ILE A 81 7.84 9.43 -13.17
C ILE A 81 7.38 9.63 -14.61
N GLU A 82 7.60 8.65 -15.45
CA GLU A 82 7.19 8.74 -16.85
C GLU A 82 6.14 7.69 -17.16
N LEU A 83 5.06 8.11 -17.81
CA LEU A 83 3.97 7.21 -18.15
C LEU A 83 3.59 7.41 -19.61
N ASN A 84 3.76 6.38 -20.42
CA ASN A 84 3.47 6.47 -21.84
C ASN A 84 4.13 7.69 -22.46
N GLY A 85 5.36 7.98 -22.05
CA GLY A 85 6.15 9.02 -22.66
C GLY A 85 6.00 10.41 -22.06
N GLN A 86 5.15 10.54 -21.05
CA GLN A 86 4.91 11.85 -20.43
C GLN A 86 5.59 11.92 -19.06
N SER A 87 6.24 13.05 -18.79
CA SER A 87 6.97 13.23 -17.54
C SER A 87 6.19 14.08 -16.53
N TYR A 88 6.07 13.57 -15.31
CA TYR A 88 5.45 14.31 -14.22
C TYR A 88 6.39 14.33 -13.03
N PRO A 89 6.37 15.42 -12.25
CA PRO A 89 7.22 15.48 -11.06
C PRO A 89 6.75 14.56 -9.94
N LEU A 90 7.68 14.07 -9.13
CA LEU A 90 7.33 13.30 -7.95
C LEU A 90 7.14 14.23 -6.76
N THR A 91 6.21 13.86 -5.89
CA THR A 91 6.00 14.58 -4.65
C THR A 91 5.68 13.57 -3.56
N LYS A 92 5.97 13.90 -2.32
CA LYS A 92 5.77 12.96 -1.22
C LYS A 92 4.30 12.57 -1.11
N LEU A 93 4.08 11.26 -0.96
CA LEU A 93 2.75 10.68 -0.85
C LEU A 93 1.92 10.85 -2.13
N LEU A 94 2.60 11.09 -3.24
CA LEU A 94 1.99 10.98 -4.55
C LEU A 94 1.67 9.50 -4.80
N ALA A 95 0.43 9.22 -5.18
CA ALA A 95 0.03 7.87 -5.53
C ALA A 95 -0.25 7.77 -7.02
N ILE A 96 0.33 6.75 -7.67
CA ILE A 96 0.16 6.57 -9.10
C ILE A 96 -0.34 5.17 -9.42
N SER A 97 -1.49 5.08 -10.08
CA SER A 97 -2.02 3.80 -10.51
C SER A 97 -1.54 3.55 -11.93
N ILE A 98 -0.98 2.38 -12.16
CA ILE A 98 -0.36 2.06 -13.43
C ILE A 98 -0.96 0.78 -13.97
N PRO A 99 -1.97 0.90 -14.84
CA PRO A 99 -2.60 -0.31 -15.36
C PRO A 99 -1.66 -1.09 -16.25
N PRO A 100 -2.03 -2.33 -16.57
CA PRO A 100 -1.25 -3.20 -17.46
C PRO A 100 -0.94 -2.51 -18.78
N LEU A 101 0.26 -2.72 -19.30
CA LEU A 101 0.65 -2.23 -20.62
C LEU A 101 1.02 -0.75 -20.65
N VAL A 102 0.89 -0.04 -19.54
CA VAL A 102 1.38 1.32 -19.48
C VAL A 102 2.90 1.31 -19.34
N ARG A 103 3.60 1.82 -20.34
CA ARG A 103 5.06 1.93 -20.27
C ARG A 103 5.42 2.94 -19.20
N HIS A 104 6.44 2.65 -18.39
CA HIS A 104 6.75 3.55 -17.30
C HIS A 104 8.11 3.30 -16.65
N ARG A 105 8.62 4.35 -16.00
CA ARG A 105 9.80 4.24 -15.16
C ARG A 105 9.92 5.49 -14.30
N ILE A 106 10.83 5.44 -13.33
CA ILE A 106 11.11 6.59 -12.49
C ILE A 106 12.51 7.12 -12.81
N VAL A 107 12.62 8.44 -12.97
CA VAL A 107 13.91 9.07 -13.24
C VAL A 107 14.34 9.90 -12.04
N GLY A 108 15.55 9.64 -11.56
CA GLY A 108 16.03 10.24 -10.33
C GLY A 108 15.87 9.28 -9.16
N GLU A 109 16.37 9.68 -8.00
CA GLU A 109 16.33 8.81 -6.83
C GLU A 109 15.01 8.95 -6.08
N ALA A 110 14.51 7.84 -5.56
CA ALA A 110 13.26 7.85 -4.82
C ALA A 110 13.07 6.60 -3.97
N THR A 111 12.13 6.68 -3.04
CA THR A 111 11.76 5.56 -2.20
C THR A 111 10.24 5.40 -2.32
N ILE A 112 9.80 4.25 -2.82
CA ILE A 112 8.37 4.03 -3.01
C ILE A 112 7.87 2.78 -2.31
N ILE A 113 6.55 2.73 -2.13
CA ILE A 113 5.85 1.51 -1.78
C ILE A 113 5.14 1.06 -3.05
N ASN A 114 5.50 -0.12 -3.56
CA ASN A 114 4.90 -0.64 -4.79
C ASN A 114 3.88 -1.74 -4.51
N ILE A 115 2.62 -1.44 -4.81
CA ILE A 115 1.51 -2.34 -4.55
C ILE A 115 1.12 -3.04 -5.85
N VAL A 116 1.20 -4.37 -5.86
CA VAL A 116 1.07 -5.14 -7.09
C VAL A 116 -0.14 -6.07 -7.06
N SER A 117 -0.87 -6.14 -8.17
CA SER A 117 -2.13 -6.87 -8.23
C SER A 117 -2.35 -7.49 -9.60
N PRO A 118 -2.49 -8.82 -9.67
CA PRO A 118 -2.36 -9.80 -8.58
C PRO A 118 -0.97 -9.80 -7.95
N PRO A 119 -0.68 -10.77 -7.08
CA PRO A 119 0.65 -10.81 -6.47
C PRO A 119 1.78 -10.79 -7.50
N PHE A 120 2.89 -10.17 -7.13
CA PHE A 120 4.04 -10.00 -7.99
C PHE A 120 4.50 -11.27 -8.70
N ASP A 121 4.82 -11.14 -9.98
CA ASP A 121 5.41 -12.23 -10.77
C ASP A 121 6.61 -11.65 -11.52
N PRO A 122 7.83 -12.08 -11.15
CA PRO A 122 9.01 -11.47 -11.77
C PRO A 122 9.09 -11.70 -13.28
N ALA A 123 8.44 -12.76 -13.77
CA ALA A 123 8.39 -13.03 -15.20
C ALA A 123 7.75 -11.88 -15.97
N ASP A 124 6.76 -11.23 -15.36
CA ASP A 124 5.99 -10.20 -16.04
C ASP A 124 6.71 -8.85 -16.02
N GLU A 125 7.65 -8.68 -16.94
CA GLU A 125 8.36 -7.41 -17.12
C GLU A 125 8.81 -7.34 -18.56
N TRP A 126 8.37 -6.31 -19.28
CA TRP A 126 8.57 -6.25 -20.72
C TRP A 126 9.16 -4.91 -21.18
N PHE A 127 9.54 -4.87 -22.46
CA PHE A 127 10.24 -3.73 -23.03
C PHE A 127 9.94 -3.60 -24.52
N ALA B 14 -10.32 3.78 -19.00
CA ALA B 14 -10.39 2.51 -18.28
C ALA B 14 -8.99 1.95 -18.01
N ALA B 15 -8.16 1.91 -19.05
CA ALA B 15 -6.79 1.43 -18.93
C ALA B 15 -5.83 2.60 -18.85
N MSE B 16 -6.28 3.67 -18.21
CA MSE B 16 -5.50 4.90 -18.12
C MSE B 16 -4.89 5.04 -16.73
O MSE B 16 -5.55 4.77 -15.73
CB MSE B 16 -6.39 6.10 -18.42
CG MSE B 16 -5.63 7.39 -18.65
SE MSE B 16 -6.80 8.83 -19.21
CE MSE B 16 -7.45 8.07 -20.87
N PRO B 17 -3.61 5.44 -16.66
CA PRO B 17 -2.98 5.69 -15.36
C PRO B 17 -3.67 6.84 -14.62
N GLN B 18 -3.62 6.80 -13.29
CA GLN B 18 -4.18 7.89 -12.50
C GLN B 18 -3.14 8.37 -11.50
N MSE B 19 -3.26 9.63 -11.13
CA MSE B 19 -2.29 10.28 -10.27
C MSE B 19 -3.01 11.11 -9.23
O MSE B 19 -3.77 12.02 -9.56
CB MSE B 19 -1.37 11.15 -11.11
CG MSE B 19 0.07 11.17 -10.64
SE MSE B 19 1.24 11.99 -11.95
CE MSE B 19 1.81 13.54 -10.90
N ILE B 20 -2.78 10.79 -7.96
CA ILE B 20 -3.43 11.50 -6.88
C ILE B 20 -2.45 11.77 -5.76
N SER B 21 -2.55 12.95 -5.16
CA SER B 21 -1.73 13.27 -3.99
C SER B 21 -2.51 12.97 -2.73
N LEU B 22 -2.12 11.90 -2.03
CA LEU B 22 -2.83 11.45 -0.85
C LEU B 22 -2.93 12.54 0.20
N SER B 23 -1.88 13.34 0.32
CA SER B 23 -1.81 14.38 1.34
C SER B 23 -2.74 15.56 1.04
N GLU B 24 -3.10 15.75 -0.23
CA GLU B 24 -3.95 16.87 -0.61
C GLU B 24 -5.43 16.50 -0.66
N ILE B 25 -5.73 15.21 -0.75
CA ILE B 25 -7.12 14.75 -0.71
C ILE B 25 -7.83 15.31 0.52
N GLU B 26 -9.10 15.69 0.35
CA GLU B 26 -9.90 16.14 1.47
C GLU B 26 -10.01 15.00 2.49
N ALA B 27 -9.56 15.27 3.71
CA ALA B 27 -9.57 14.25 4.76
C ALA B 27 -10.96 14.08 5.35
N VAL B 28 -11.35 12.83 5.60
CA VAL B 28 -12.64 12.50 6.15
C VAL B 28 -12.49 11.84 7.51
N ALA B 29 -13.41 12.14 8.41
CA ALA B 29 -13.39 11.55 9.74
C ALA B 29 -13.81 10.08 9.69
N CYS B 30 -13.07 9.25 10.41
CA CYS B 30 -13.41 7.85 10.59
C CYS B 30 -13.23 7.53 12.07
N PRO B 31 -13.72 6.36 12.52
CA PRO B 31 -13.75 6.11 13.97
C PRO B 31 -12.38 6.20 14.63
N CYS B 32 -11.32 5.88 13.89
CA CYS B 32 -9.98 5.88 14.47
C CYS B 32 -9.21 7.18 14.21
N GLY B 33 -9.82 8.10 13.47
CA GLY B 33 -9.18 9.38 13.18
C GLY B 33 -9.58 9.99 11.85
N TRP B 34 -8.59 10.20 10.98
CA TRP B 34 -8.84 10.83 9.68
C TRP B 34 -8.30 10.00 8.52
N ALA B 35 -9.11 9.87 7.48
CA ALA B 35 -8.73 9.07 6.32
C ALA B 35 -8.71 9.90 5.05
N GLN B 36 -7.67 9.71 4.24
CA GLN B 36 -7.59 10.33 2.92
C GLN B 36 -7.59 9.21 1.88
N ARG B 37 -8.77 8.94 1.32
CA ARG B 37 -9.00 7.72 0.55
C ARG B 37 -8.83 7.93 -0.95
N ALA B 38 -8.10 7.02 -1.58
CA ALA B 38 -7.84 7.10 -3.02
C ALA B 38 -8.23 5.81 -3.73
N PHE B 39 -8.57 5.94 -5.00
CA PHE B 39 -8.81 4.80 -5.87
C PHE B 39 -9.98 3.93 -5.42
N GLY B 40 -11.11 4.57 -5.12
CA GLY B 40 -12.31 3.85 -4.76
C GLY B 40 -12.77 2.90 -5.85
N HIS B 41 -14.00 2.42 -5.73
CA HIS B 41 -14.54 1.46 -6.67
C HIS B 41 -14.74 2.08 -8.05
N ASP B 42 -15.11 3.36 -8.06
CA ASP B 42 -15.32 4.09 -9.30
C ASP B 42 -14.02 4.22 -10.11
N ALA B 43 -12.87 3.99 -9.46
CA ALA B 43 -11.57 4.27 -10.07
C ALA B 43 -11.07 3.18 -11.02
N GLY B 44 -11.69 2.01 -10.98
CA GLY B 44 -11.31 0.93 -11.88
C GLY B 44 -10.16 0.06 -11.37
N THR B 45 -9.49 0.52 -10.33
CA THR B 45 -8.39 -0.25 -9.75
C THR B 45 -8.95 -1.41 -8.96
N SER B 46 -8.09 -2.37 -8.62
CA SER B 46 -8.50 -3.55 -7.89
C SER B 46 -8.45 -3.33 -6.38
N VAL B 47 -7.77 -2.27 -5.96
CA VAL B 47 -7.61 -1.98 -4.55
C VAL B 47 -7.78 -0.50 -4.27
N SER B 48 -8.18 -0.17 -3.04
CA SER B 48 -8.23 1.21 -2.60
C SER B 48 -6.97 1.46 -1.80
N VAL B 49 -6.53 2.71 -1.76
CA VAL B 49 -5.37 3.07 -0.95
C VAL B 49 -5.67 4.29 -0.09
N HIS B 50 -5.69 4.08 1.22
CA HIS B 50 -5.98 5.13 2.17
C HIS B 50 -4.69 5.59 2.84
N TYR B 51 -4.60 6.89 3.08
CA TYR B 51 -3.55 7.45 3.93
C TYR B 51 -4.24 7.92 5.20
N THR B 52 -4.03 7.17 6.29
CA THR B 52 -4.90 7.29 7.45
C THR B 52 -4.16 7.70 8.71
N GLN B 53 -4.71 8.71 9.39
CA GLN B 53 -4.17 9.19 10.65
C GLN B 53 -4.96 8.59 11.81
N ILE B 54 -4.29 7.77 12.63
CA ILE B 54 -4.90 7.23 13.83
C ILE B 54 -4.69 8.23 14.96
N THR B 55 -5.77 8.88 15.38
CA THR B 55 -5.70 9.91 16.40
C THR B 55 -6.48 9.57 17.66
N LYS B 56 -7.42 8.64 17.55
CA LYS B 56 -8.28 8.28 18.67
C LYS B 56 -8.53 6.77 18.74
N ALA B 57 -8.91 6.30 19.91
CA ALA B 57 -9.19 4.89 20.13
C ALA B 57 -10.48 4.49 19.41
N ALA B 58 -10.57 3.24 18.98
CA ALA B 58 -11.71 2.78 18.20
C ALA B 58 -12.14 1.39 18.63
N ARG B 59 -13.41 1.08 18.42
CA ARG B 59 -13.92 -0.28 18.65
C ARG B 59 -13.14 -1.26 17.79
N THR B 60 -12.86 -2.44 18.34
CA THR B 60 -12.37 -3.54 17.53
C THR B 60 -13.43 -3.88 16.50
N HIS B 61 -13.00 -4.08 15.25
CA HIS B 61 -13.93 -4.34 14.17
C HIS B 61 -13.35 -5.39 13.22
N TYR B 62 -14.16 -5.83 12.27
CA TYR B 62 -13.67 -6.74 11.25
C TYR B 62 -14.48 -6.59 9.95
N HIS B 63 -13.97 -7.22 8.90
CA HIS B 63 -14.55 -7.10 7.58
C HIS B 63 -14.86 -8.50 7.07
N ARG B 64 -16.02 -8.65 6.42
CA ARG B 64 -16.46 -9.96 5.95
C ARG B 64 -16.09 -10.22 4.50
N GLU B 65 -15.76 -9.16 3.76
CA GLU B 65 -15.58 -9.25 2.32
C GLU B 65 -14.31 -8.55 1.84
N HIS B 66 -13.58 -7.94 2.76
CA HIS B 66 -12.40 -7.15 2.39
C HIS B 66 -11.20 -7.55 3.22
N GLN B 67 -10.05 -7.66 2.57
CA GLN B 67 -8.81 -7.87 3.29
C GLN B 67 -8.03 -6.57 3.24
N GLU B 68 -7.36 -6.24 4.34
CA GLU B 68 -6.63 -4.99 4.45
C GLU B 68 -5.15 -5.27 4.68
N ILE B 69 -4.30 -4.37 4.19
CA ILE B 69 -2.89 -4.42 4.48
C ILE B 69 -2.43 -3.06 4.97
N TYR B 70 -2.11 -2.98 6.26
CA TYR B 70 -1.61 -1.75 6.84
C TYR B 70 -0.10 -1.67 6.65
N VAL B 71 0.39 -0.50 6.28
CA VAL B 71 1.82 -0.25 6.28
C VAL B 71 2.11 0.95 7.18
N VAL B 72 2.77 0.71 8.30
CA VAL B 72 3.05 1.79 9.26
C VAL B 72 4.13 2.73 8.74
N LEU B 73 3.81 4.03 8.70
CA LEU B 73 4.77 5.04 8.27
C LEU B 73 5.41 5.74 9.47
N ASP B 74 4.60 5.99 10.50
CA ASP B 74 5.14 6.46 11.77
C ASP B 74 4.19 6.05 12.89
N HIS B 75 4.63 6.20 14.13
CA HIS B 75 3.82 5.79 15.27
C HIS B 75 4.34 6.40 16.54
N ALA B 76 3.46 6.54 17.53
CA ALA B 76 3.85 6.95 18.86
C ALA B 76 4.46 5.76 19.59
N ALA B 77 5.37 6.02 20.50
CA ALA B 77 5.98 4.96 21.29
C ALA B 77 4.89 4.12 21.95
N HIS B 78 5.07 2.80 21.94
CA HIS B 78 4.15 1.86 22.58
C HIS B 78 2.84 1.68 21.83
N ALA B 79 2.73 2.26 20.64
CA ALA B 79 1.54 2.03 19.83
C ALA B 79 1.55 0.56 19.41
N THR B 80 0.39 -0.06 19.40
CA THR B 80 0.29 -1.47 19.03
C THR B 80 -0.84 -1.70 18.04
N ILE B 81 -0.90 -2.93 17.55
CA ILE B 81 -2.03 -3.38 16.74
C ILE B 81 -2.57 -4.61 17.41
N GLU B 82 -3.89 -4.74 17.46
CA GLU B 82 -4.53 -5.91 18.06
C GLU B 82 -5.17 -6.76 16.98
N LEU B 83 -4.74 -8.01 16.90
CA LEU B 83 -5.28 -8.94 15.92
C LEU B 83 -5.84 -10.15 16.65
N ASN B 84 -7.15 -10.36 16.51
CA ASN B 84 -7.86 -11.40 17.24
C ASN B 84 -7.41 -11.47 18.70
N GLY B 85 -7.40 -10.31 19.36
CA GLY B 85 -7.14 -10.25 20.79
C GLY B 85 -5.68 -10.33 21.19
N GLN B 86 -4.79 -10.42 20.22
CA GLN B 86 -3.36 -10.46 20.48
C GLN B 86 -2.73 -9.12 20.14
N SER B 87 -1.83 -8.64 20.99
CA SER B 87 -1.24 -7.32 20.82
C SER B 87 0.19 -7.38 20.31
N TYR B 88 0.50 -6.52 19.33
CA TYR B 88 1.84 -6.43 18.78
C TYR B 88 2.25 -4.98 18.60
N PRO B 89 3.51 -4.65 18.92
CA PRO B 89 4.00 -3.29 18.78
C PRO B 89 4.17 -2.85 17.33
N LEU B 90 3.87 -1.58 17.06
CA LEU B 90 4.08 -1.01 15.73
C LEU B 90 5.52 -0.55 15.59
N THR B 91 6.11 -0.82 14.43
CA THR B 91 7.41 -0.27 14.08
C THR B 91 7.33 0.31 12.68
N LYS B 92 8.30 1.14 12.33
CA LYS B 92 8.31 1.78 11.01
C LYS B 92 8.38 0.76 9.88
N LEU B 93 7.50 0.93 8.90
CA LEU B 93 7.47 0.08 7.71
C LEU B 93 7.10 -1.36 8.04
N LEU B 94 6.42 -1.55 9.17
CA LEU B 94 5.80 -2.82 9.46
C LEU B 94 4.60 -2.99 8.52
N ALA B 95 4.49 -4.15 7.90
CA ALA B 95 3.34 -4.46 7.04
C ALA B 95 2.47 -5.52 7.68
N ILE B 96 1.19 -5.23 7.84
CA ILE B 96 0.29 -6.18 8.46
C ILE B 96 -0.84 -6.56 7.50
N SER B 97 -0.95 -7.85 7.23
CA SER B 97 -2.00 -8.38 6.39
C SER B 97 -3.15 -8.84 7.27
N ILE B 98 -4.34 -8.30 7.00
CA ILE B 98 -5.52 -8.59 7.80
C ILE B 98 -6.62 -9.17 6.93
N PRO B 99 -6.68 -10.51 6.85
CA PRO B 99 -7.72 -11.19 6.09
C PRO B 99 -9.10 -10.91 6.66
N PRO B 100 -10.15 -11.20 5.89
CA PRO B 100 -11.52 -11.02 6.39
C PRO B 100 -11.72 -11.83 7.68
N LEU B 101 -12.56 -11.34 8.57
CA LEU B 101 -12.93 -12.04 9.81
C LEU B 101 -11.94 -11.85 10.94
N VAL B 102 -10.74 -11.36 10.62
CA VAL B 102 -9.77 -11.06 11.66
C VAL B 102 -10.15 -9.79 12.41
N ARG B 103 -10.54 -9.91 13.67
CA ARG B 103 -10.83 -8.76 14.50
C ARG B 103 -9.56 -7.92 14.65
N HIS B 104 -9.68 -6.61 14.50
CA HIS B 104 -8.50 -5.76 14.54
C HIS B 104 -8.79 -4.33 14.93
N ARG B 105 -7.77 -3.67 15.47
CA ARG B 105 -7.79 -2.23 15.70
C ARG B 105 -6.39 -1.77 16.10
N ILE B 106 -6.13 -0.48 15.94
CA ILE B 106 -4.87 0.10 16.37
C ILE B 106 -5.04 0.84 17.70
N VAL B 107 -4.00 0.82 18.52
CA VAL B 107 -4.03 1.43 19.84
C VAL B 107 -2.87 2.40 19.95
N GLY B 108 -3.16 3.65 20.31
CA GLY B 108 -2.17 4.70 20.30
C GLY B 108 -2.13 5.37 18.95
N GLU B 109 -1.38 6.46 18.83
CA GLU B 109 -1.36 7.23 17.60
C GLU B 109 -0.44 6.60 16.55
N ALA B 110 -0.78 6.81 15.28
CA ALA B 110 -0.02 6.23 14.17
C ALA B 110 -0.46 6.81 12.84
N THR B 111 0.41 6.67 11.84
CA THR B 111 0.09 7.02 10.46
C THR B 111 0.31 5.80 9.59
N ILE B 112 -0.69 5.42 8.80
CA ILE B 112 -0.57 4.22 7.99
C ILE B 112 -1.05 4.41 6.56
N ILE B 113 -0.58 3.53 5.69
CA ILE B 113 -1.17 3.34 4.39
C ILE B 113 -2.05 2.09 4.49
N ASN B 114 -3.35 2.26 4.33
CA ASN B 114 -4.24 1.10 4.36
C ASN B 114 -4.61 0.69 2.95
N ILE B 115 -4.19 -0.51 2.57
CA ILE B 115 -4.47 -1.04 1.24
C ILE B 115 -5.62 -2.03 1.36
N VAL B 116 -6.72 -1.74 0.66
CA VAL B 116 -7.95 -2.53 0.81
C VAL B 116 -8.34 -3.21 -0.50
N SER B 117 -8.67 -4.50 -0.42
CA SER B 117 -9.10 -5.24 -1.60
C SER B 117 -10.29 -6.16 -1.29
N PRO B 118 -11.30 -6.16 -2.16
CA PRO B 118 -11.38 -5.26 -3.32
C PRO B 118 -11.56 -3.83 -2.83
N PRO B 119 -11.85 -2.89 -3.74
CA PRO B 119 -11.94 -1.50 -3.31
C PRO B 119 -12.82 -1.33 -2.07
N PHE B 120 -12.39 -0.44 -1.18
CA PHE B 120 -13.05 -0.21 0.10
C PHE B 120 -14.55 0.08 0.00
N ASP B 121 -15.33 -0.58 0.86
CA ASP B 121 -16.77 -0.38 0.96
C ASP B 121 -17.13 -0.16 2.42
N PRO B 122 -17.61 1.05 2.76
CA PRO B 122 -17.85 1.39 4.17
C PRO B 122 -18.96 0.56 4.82
N ALA B 123 -19.82 -0.03 4.00
CA ALA B 123 -20.89 -0.88 4.52
C ALA B 123 -20.35 -2.12 5.22
N ASP B 124 -19.12 -2.51 4.87
CA ASP B 124 -18.55 -3.75 5.39
C ASP B 124 -17.74 -3.51 6.64
N GLU B 125 -18.43 -3.23 7.74
CA GLU B 125 -17.79 -3.07 9.04
C GLU B 125 -18.64 -3.81 10.07
N TRP B 126 -18.01 -4.68 10.85
CA TRP B 126 -18.74 -5.49 11.82
C TRP B 126 -18.07 -5.49 13.19
N PHE B 127 -18.89 -5.60 14.23
CA PHE B 127 -18.41 -5.59 15.60
C PHE B 127 -18.89 -6.85 16.31
N ASP B 128 -18.18 -7.22 17.38
CA ASP B 128 -18.67 -8.21 18.32
C ASP B 128 -19.31 -7.45 19.49
N SER B 129 -20.43 -7.93 19.99
CA SER B 129 -21.10 -7.26 21.10
C SER B 129 -20.34 -7.55 22.39
N SER B 130 -20.66 -6.79 23.43
CA SER B 130 -19.95 -6.90 24.71
C SER B 130 -20.45 -8.09 25.53
CU CU C . 6.60 -1.53 -12.67
CU CU D . -10.43 -2.42 9.17
#